data_1MHW
#
_entry.id   1MHW
#
_cell.length_a   51.522
_cell.length_b   58.632
_cell.length_c   151.445
_cell.angle_alpha   90.00
_cell.angle_beta   90.00
_cell.angle_gamma   90.00
#
_symmetry.space_group_name_H-M   'P 21 21 21'
#
loop_
_entity.id
_entity.type
_entity.pdbx_description
1 polymer 'Cathepsin L'
2 polymer 'Cathepsin L'
3 polymer '4-biphenylacetyl-Cys-(D)Arg-Tyr-N-(2-phenylethyl) amide'
4 water water
#
loop_
_entity_poly.entity_id
_entity_poly.type
_entity_poly.pdbx_seq_one_letter_code
_entity_poly.pdbx_strand_id
1 'polypeptide(L)'
;APRSVDWREKGYVTPVKNQGQCGS(CSD)WAFSATGALEGQMFRKTGRLISLSEQNLVDCSGPQGNEGCNGGLMDYAFQY
VQDNGGLDSEESYPYEATEESCKYNPKYSVANDTGFVDIPKQEKALMKAVATVGPISVAIDAGHESFLFYKEGIYFEPDC
SSEDMDHGVLVVGYGFEST
;
A,B
2 'polypeptide(L)' NNKYWLVKNSWGEEWGMGGYVKMAKDRRNHCGIASAASYPTV C,D
3 'polypeptide(L)' (BP4)C(DAR)Y(PEA) E,F,G,H
#
# COMPACT_ATOMS: atom_id res chain seq x y z
N ALA A 1 32.15 -13.67 -9.35
CA ALA A 1 31.50 -12.45 -9.91
C ALA A 1 31.85 -11.25 -9.03
N PRO A 2 31.63 -10.03 -9.53
CA PRO A 2 31.97 -8.87 -8.69
C PRO A 2 31.21 -8.85 -7.35
N ARG A 3 31.75 -8.10 -6.41
CA ARG A 3 31.16 -7.96 -5.09
C ARG A 3 29.87 -7.17 -5.15
N SER A 4 29.85 -6.15 -6.01
CA SER A 4 28.67 -5.31 -6.17
C SER A 4 28.43 -4.99 -7.63
N VAL A 5 27.16 -4.90 -8.00
CA VAL A 5 26.75 -4.55 -9.35
C VAL A 5 25.54 -3.61 -9.29
N ASP A 6 25.55 -2.57 -10.12
CA ASP A 6 24.45 -1.62 -10.18
C ASP A 6 24.35 -1.08 -11.60
N TRP A 7 23.53 -1.73 -12.41
CA TRP A 7 23.38 -1.33 -13.81
C TRP A 7 22.83 0.09 -14.01
N ARG A 8 22.24 0.67 -12.98
CA ARG A 8 21.74 2.04 -13.10
C ARG A 8 22.90 3.00 -13.35
N GLU A 9 24.06 2.67 -12.80
CA GLU A 9 25.26 3.46 -12.97
C GLU A 9 25.74 3.50 -14.41
N LYS A 10 25.38 2.47 -15.18
CA LYS A 10 25.85 2.37 -16.55
C LYS A 10 24.85 2.76 -17.63
N GLY A 11 23.69 3.29 -17.24
CA GLY A 11 22.72 3.70 -18.24
C GLY A 11 21.78 2.63 -18.80
N TYR A 12 21.67 1.50 -18.11
CA TYR A 12 20.83 0.40 -18.57
C TYR A 12 19.38 0.48 -18.11
N VAL A 13 19.09 1.40 -17.19
CA VAL A 13 17.76 1.47 -16.58
C VAL A 13 17.00 2.79 -16.74
N THR A 14 15.73 2.67 -17.13
CA THR A 14 14.86 3.84 -17.29
C THR A 14 14.31 4.24 -15.92
N PRO A 15 13.74 5.45 -15.81
CA PRO A 15 13.17 5.88 -14.54
C PRO A 15 12.09 4.88 -14.10
N VAL A 16 11.72 4.92 -12.82
CA VAL A 16 10.68 4.03 -12.30
C VAL A 16 9.27 4.35 -12.89
N LYS A 17 8.56 3.32 -13.31
CA LYS A 17 7.23 3.46 -13.89
C LYS A 17 6.15 3.02 -12.87
N ASN A 18 4.89 3.23 -13.22
CA ASN A 18 3.76 2.90 -12.35
C ASN A 18 2.64 2.13 -13.10
N GLN A 19 2.51 0.84 -12.78
CA GLN A 19 1.52 -0.01 -13.43
C GLN A 19 0.07 0.32 -13.02
N GLY A 20 -0.11 1.02 -11.90
CA GLY A 20 -1.45 1.36 -11.47
C GLY A 20 -2.30 0.16 -11.07
N GLN A 21 -3.61 0.35 -11.14
CA GLN A 21 -4.56 -0.72 -10.76
C GLN A 21 -4.77 -1.69 -11.92
N CYS A 22 -3.69 -2.41 -12.23
CA CYS A 22 -3.68 -3.36 -13.33
C CYS A 22 -2.55 -4.39 -13.08
N GLY A 23 -2.85 -5.68 -13.22
CA GLY A 23 -1.84 -6.69 -12.98
C GLY A 23 -0.91 -6.87 -14.16
N SER A 24 -0.32 -5.78 -14.62
CA SER A 24 0.57 -5.79 -15.76
C SER A 24 2.07 -5.74 -15.37
N TRP A 26 4.13 -8.00 -15.08
CA TRP A 26 4.89 -8.88 -15.95
C TRP A 26 5.38 -8.11 -17.20
N ALA A 27 4.54 -7.20 -17.69
CA ALA A 27 4.92 -6.40 -18.85
C ALA A 27 6.02 -5.39 -18.47
N PHE A 28 5.93 -4.81 -17.27
CA PHE A 28 6.95 -3.86 -16.84
C PHE A 28 8.28 -4.56 -16.62
N SER A 29 8.22 -5.74 -16.01
CA SER A 29 9.43 -6.50 -15.80
C SER A 29 10.06 -6.84 -17.17
N ALA A 30 9.22 -7.21 -18.12
CA ALA A 30 9.70 -7.55 -19.46
C ALA A 30 10.31 -6.34 -20.19
N THR A 31 9.63 -5.20 -20.16
CA THR A 31 10.19 -4.01 -20.81
C THR A 31 11.49 -3.56 -20.11
N GLY A 32 11.54 -3.77 -18.79
CA GLY A 32 12.74 -3.42 -18.05
C GLY A 32 13.93 -4.22 -18.56
N ALA A 33 13.76 -5.54 -18.68
CA ALA A 33 14.85 -6.38 -19.15
C ALA A 33 15.21 -6.09 -20.62
N LEU A 34 14.20 -5.85 -21.45
CA LEU A 34 14.46 -5.56 -22.85
C LEU A 34 15.17 -4.22 -22.98
N GLU A 35 14.72 -3.25 -22.19
CA GLU A 35 15.34 -1.95 -22.19
C GLU A 35 16.85 -2.11 -21.89
N GLY A 36 17.18 -2.94 -20.91
CA GLY A 36 18.57 -3.14 -20.56
C GLY A 36 19.36 -3.82 -21.67
N GLN A 37 18.78 -4.84 -22.28
CA GLN A 37 19.48 -5.56 -23.37
C GLN A 37 19.61 -4.72 -24.66
N MET A 38 18.56 -3.98 -25.01
CA MET A 38 18.64 -3.14 -26.20
C MET A 38 19.76 -2.06 -26.01
N PHE A 39 19.84 -1.50 -24.80
CA PHE A 39 20.87 -0.52 -24.51
C PHE A 39 22.27 -1.15 -24.67
N ARG A 40 22.43 -2.35 -24.14
CA ARG A 40 23.71 -3.05 -24.26
C ARG A 40 24.09 -3.27 -25.73
N LYS A 41 23.08 -3.51 -26.55
CA LYS A 41 23.30 -3.78 -27.96
C LYS A 41 23.55 -2.54 -28.80
N THR A 42 22.77 -1.50 -28.57
CA THR A 42 22.85 -0.30 -29.38
C THR A 42 23.44 0.96 -28.72
N GLY A 43 23.55 0.96 -27.40
CA GLY A 43 24.07 2.14 -26.73
C GLY A 43 22.98 3.19 -26.51
N ARG A 44 21.73 2.89 -26.90
CA ARG A 44 20.63 3.83 -26.71
C ARG A 44 19.55 3.30 -25.76
N LEU A 45 19.20 4.09 -24.75
CA LEU A 45 18.16 3.70 -23.80
C LEU A 45 16.80 4.27 -24.20
N ILE A 46 15.87 3.41 -24.58
CA ILE A 46 14.56 3.85 -25.00
C ILE A 46 13.46 3.15 -24.22
N SER A 47 12.55 3.93 -23.63
CA SER A 47 11.46 3.34 -22.87
C SER A 47 10.52 2.54 -23.79
N LEU A 48 10.18 1.32 -23.35
CA LEU A 48 9.33 0.43 -24.14
C LEU A 48 7.88 0.39 -23.66
N SER A 49 6.99 0.09 -24.60
CA SER A 49 5.56 0.08 -24.35
C SER A 49 4.98 -1.17 -23.66
N GLU A 50 4.62 -1.01 -22.39
CA GLU A 50 3.98 -2.09 -21.66
C GLU A 50 2.57 -2.33 -22.22
N GLN A 51 1.93 -1.25 -22.67
CA GLN A 51 0.57 -1.34 -23.22
C GLN A 51 0.54 -2.27 -24.43
N ASN A 52 1.59 -2.16 -25.26
CA ASN A 52 1.73 -3.01 -26.44
C ASN A 52 1.63 -4.48 -25.98
N LEU A 53 2.35 -4.80 -24.90
CA LEU A 53 2.36 -6.16 -24.35
C LEU A 53 1.00 -6.54 -23.75
N VAL A 54 0.43 -5.62 -23.00
CA VAL A 54 -0.86 -5.87 -22.39
C VAL A 54 -1.96 -6.16 -23.41
N ASP A 55 -2.02 -5.34 -24.46
CA ASP A 55 -3.04 -5.48 -25.48
C ASP A 55 -2.81 -6.59 -26.50
N CYS A 56 -1.56 -6.92 -26.80
CA CYS A 56 -1.27 -7.85 -27.90
C CYS A 56 -0.72 -9.25 -27.60
N SER A 57 -0.22 -9.50 -26.39
CA SER A 57 0.38 -10.82 -26.14
C SER A 57 -0.58 -11.90 -25.61
N GLY A 58 -1.87 -11.75 -25.90
CA GLY A 58 -2.84 -12.74 -25.47
C GLY A 58 -2.55 -14.10 -26.13
N PRO A 59 -2.27 -14.12 -27.45
CA PRO A 59 -1.98 -15.39 -28.13
C PRO A 59 -0.85 -16.21 -27.48
N GLN A 60 0.15 -15.51 -26.95
CA GLN A 60 1.30 -16.13 -26.30
C GLN A 60 0.97 -16.62 -24.88
N GLY A 61 -0.21 -16.28 -24.38
CA GLY A 61 -0.60 -16.76 -23.07
C GLY A 61 -0.89 -15.73 -21.99
N ASN A 62 -0.58 -14.47 -22.22
CA ASN A 62 -0.83 -13.47 -21.20
C ASN A 62 -2.32 -13.10 -21.04
N GLU A 63 -2.67 -12.59 -19.87
CA GLU A 63 -4.05 -12.22 -19.55
C GLU A 63 -4.23 -10.74 -19.23
N GLY A 64 -3.52 -9.87 -19.96
CA GLY A 64 -3.64 -8.45 -19.75
C GLY A 64 -3.49 -8.00 -18.30
N CYS A 65 -4.48 -7.28 -17.78
CA CYS A 65 -4.44 -6.81 -16.40
C CYS A 65 -4.72 -7.91 -15.37
N ASN A 66 -5.07 -9.10 -15.87
CA ASN A 66 -5.33 -10.24 -15.00
C ASN A 66 -4.08 -11.08 -14.75
N GLY A 67 -2.96 -10.67 -15.33
CA GLY A 67 -1.73 -11.41 -15.11
C GLY A 67 -1.00 -11.91 -16.35
N GLY A 68 0.17 -12.47 -16.13
CA GLY A 68 0.96 -12.98 -17.23
C GLY A 68 2.37 -13.37 -16.83
N LEU A 69 3.19 -13.66 -17.83
CA LEU A 69 4.57 -14.06 -17.61
C LEU A 69 5.56 -13.26 -18.49
N MET A 70 6.72 -12.92 -17.94
CA MET A 70 7.71 -12.19 -18.72
C MET A 70 8.14 -13.02 -19.94
N ASP A 71 8.32 -14.33 -19.74
CA ASP A 71 8.70 -15.18 -20.87
C ASP A 71 7.66 -15.12 -22.00
N TYR A 72 6.37 -15.06 -21.66
CA TYR A 72 5.33 -14.97 -22.71
C TYR A 72 5.46 -13.64 -23.49
N ALA A 73 5.83 -12.57 -22.79
CA ALA A 73 6.04 -11.28 -23.44
C ALA A 73 7.26 -11.35 -24.38
N PHE A 74 8.34 -11.97 -23.92
CA PHE A 74 9.52 -12.08 -24.78
C PHE A 74 9.16 -12.89 -26.03
N GLN A 75 8.34 -13.92 -25.83
CA GLN A 75 7.91 -14.74 -26.95
C GLN A 75 7.07 -13.90 -27.92
N TYR A 76 6.24 -13.01 -27.36
CA TYR A 76 5.42 -12.15 -28.22
C TYR A 76 6.32 -11.25 -29.06
N VAL A 77 7.30 -10.61 -28.44
CA VAL A 77 8.19 -9.72 -29.19
C VAL A 77 8.83 -10.49 -30.36
N GLN A 78 9.31 -11.69 -30.07
CA GLN A 78 9.91 -12.54 -31.10
C GLN A 78 8.91 -12.89 -32.20
N ASP A 79 7.72 -13.36 -31.84
CA ASP A 79 6.70 -13.71 -32.83
C ASP A 79 6.28 -12.51 -33.68
N ASN A 80 6.10 -11.39 -32.99
CA ASN A 80 5.65 -10.14 -33.60
C ASN A 80 6.69 -9.45 -34.45
N GLY A 81 7.96 -9.72 -34.16
CA GLY A 81 9.06 -9.11 -34.90
C GLY A 81 9.37 -7.71 -34.39
N GLY A 82 8.84 -7.38 -33.21
CA GLY A 82 9.08 -6.06 -32.67
C GLY A 82 8.22 -5.66 -31.49
N LEU A 83 8.52 -4.48 -30.96
CA LEU A 83 7.80 -3.90 -29.84
C LEU A 83 7.89 -2.37 -29.91
N ASP A 84 6.73 -1.71 -29.83
CA ASP A 84 6.71 -0.26 -29.90
C ASP A 84 7.28 0.47 -28.68
N SER A 85 7.75 1.69 -28.94
CA SER A 85 8.29 2.53 -27.90
C SER A 85 7.16 2.97 -26.97
N GLU A 86 7.53 3.31 -25.74
CA GLU A 86 6.58 3.81 -24.76
C GLU A 86 5.91 5.10 -25.29
N GLU A 87 6.70 5.92 -25.95
CA GLU A 87 6.20 7.18 -26.50
C GLU A 87 5.10 6.98 -27.55
N SER A 88 5.33 6.03 -28.46
CA SER A 88 4.38 5.75 -29.54
C SER A 88 3.13 4.97 -29.11
N TYR A 89 3.22 4.26 -27.99
CA TYR A 89 2.13 3.43 -27.51
C TYR A 89 2.05 3.56 -25.97
N PRO A 90 1.57 4.71 -25.48
CA PRO A 90 1.44 5.03 -24.05
C PRO A 90 0.66 4.03 -23.19
N TYR A 91 1.05 3.97 -21.92
CA TYR A 91 0.41 3.08 -20.96
C TYR A 91 -0.96 3.59 -20.53
N GLU A 92 -1.94 2.69 -20.55
CA GLU A 92 -3.30 3.06 -20.20
C GLU A 92 -3.84 2.40 -18.90
N ALA A 93 -3.14 1.38 -18.40
CA ALA A 93 -3.51 0.68 -17.17
C ALA A 93 -4.84 -0.11 -17.26
N THR A 94 -5.22 -0.48 -18.48
CA THR A 94 -6.41 -1.28 -18.72
C THR A 94 -6.29 -1.95 -20.10
N GLU A 95 -6.82 -3.16 -20.25
CA GLU A 95 -6.67 -3.85 -21.53
C GLU A 95 -7.52 -3.26 -22.66
N GLU A 96 -6.88 -3.11 -23.81
CA GLU A 96 -7.52 -2.57 -25.01
C GLU A 96 -7.16 -3.43 -26.22
N SER A 97 -7.76 -3.14 -27.36
CA SER A 97 -7.45 -3.87 -28.58
C SER A 97 -5.99 -3.61 -28.98
N CYS A 98 -5.32 -4.62 -29.52
CA CYS A 98 -3.95 -4.52 -29.97
C CYS A 98 -3.77 -3.42 -31.05
N LYS A 99 -2.88 -2.46 -30.81
CA LYS A 99 -2.65 -1.38 -31.76
C LYS A 99 -1.18 -1.27 -32.20
N TYR A 100 -0.48 -2.40 -32.19
CA TYR A 100 0.91 -2.43 -32.58
C TYR A 100 1.11 -1.88 -33.99
N ASN A 101 2.14 -1.06 -34.14
CA ASN A 101 2.49 -0.46 -35.43
C ASN A 101 3.99 -0.68 -35.64
N PRO A 102 4.38 -1.50 -36.64
CA PRO A 102 5.81 -1.76 -36.90
C PRO A 102 6.68 -0.53 -37.12
N LYS A 103 6.09 0.55 -37.63
CA LYS A 103 6.87 1.75 -37.83
C LYS A 103 7.43 2.31 -36.53
N TYR A 104 6.75 2.04 -35.43
CA TYR A 104 7.20 2.56 -34.13
C TYR A 104 7.99 1.56 -33.31
N SER A 105 8.32 0.41 -33.91
CA SER A 105 9.07 -0.60 -33.19
C SER A 105 10.52 -0.16 -32.97
N VAL A 106 10.99 -0.28 -31.73
CA VAL A 106 12.37 0.09 -31.40
C VAL A 106 13.12 -1.04 -30.69
N ALA A 107 12.46 -2.18 -30.55
CA ALA A 107 13.08 -3.30 -29.89
C ALA A 107 12.65 -4.62 -30.52
N ASN A 108 13.43 -5.66 -30.27
CA ASN A 108 13.13 -6.98 -30.77
C ASN A 108 13.98 -8.00 -30.02
N ASP A 109 13.59 -9.26 -30.09
CA ASP A 109 14.39 -10.30 -29.49
C ASP A 109 14.22 -11.60 -30.23
N THR A 110 15.17 -12.50 -30.02
CA THR A 110 15.18 -13.81 -30.67
C THR A 110 15.01 -14.95 -29.67
N GLY A 111 14.11 -14.74 -28.71
CA GLY A 111 13.86 -15.74 -27.71
C GLY A 111 14.27 -15.26 -26.33
N PHE A 112 14.35 -16.19 -25.39
CA PHE A 112 14.73 -15.84 -24.04
C PHE A 112 15.50 -16.96 -23.34
N VAL A 113 16.15 -16.60 -22.24
CA VAL A 113 16.90 -17.55 -21.47
C VAL A 113 16.36 -17.69 -20.05
N ASP A 114 15.98 -18.91 -19.67
CA ASP A 114 15.51 -19.15 -18.32
C ASP A 114 16.72 -19.54 -17.49
N ILE A 115 17.04 -18.72 -16.49
CA ILE A 115 18.19 -18.94 -15.62
C ILE A 115 17.95 -20.08 -14.64
N PRO A 116 18.99 -20.90 -14.38
CA PRO A 116 18.80 -22.00 -13.43
C PRO A 116 18.23 -21.42 -12.12
N LYS A 117 17.37 -22.19 -11.46
CA LYS A 117 16.73 -21.72 -10.24
C LYS A 117 17.65 -21.74 -8.99
N GLN A 118 18.72 -20.95 -9.06
CA GLN A 118 19.69 -20.84 -7.97
C GLN A 118 20.21 -19.39 -7.84
N GLU A 119 20.34 -18.91 -6.62
CA GLU A 119 20.82 -17.53 -6.44
C GLU A 119 22.21 -17.32 -7.01
N LYS A 120 23.08 -18.33 -6.91
CA LYS A 120 24.42 -18.17 -7.49
C LYS A 120 24.32 -17.97 -9.02
N ALA A 121 23.39 -18.68 -9.65
CA ALA A 121 23.18 -18.55 -11.10
C ALA A 121 22.60 -17.18 -11.44
N LEU A 122 21.69 -16.70 -10.60
CA LEU A 122 21.12 -15.38 -10.84
C LEU A 122 22.21 -14.30 -10.75
N MET A 123 23.08 -14.41 -9.74
CA MET A 123 24.16 -13.46 -9.59
C MET A 123 25.06 -13.42 -10.82
N LYS A 124 25.40 -14.59 -11.37
CA LYS A 124 26.24 -14.63 -12.56
C LYS A 124 25.53 -13.97 -13.74
N ALA A 125 24.23 -14.22 -13.87
CA ALA A 125 23.46 -13.62 -14.96
C ALA A 125 23.42 -12.08 -14.82
N VAL A 126 23.11 -11.59 -13.63
CA VAL A 126 23.06 -10.14 -13.43
C VAL A 126 24.43 -9.50 -13.70
N ALA A 127 25.48 -10.17 -13.25
CA ALA A 127 26.82 -9.66 -13.44
C ALA A 127 27.29 -9.64 -14.91
N THR A 128 26.88 -10.64 -15.66
CA THR A 128 27.35 -10.75 -17.06
C THR A 128 26.36 -10.31 -18.15
N VAL A 129 25.07 -10.28 -17.82
CA VAL A 129 24.04 -9.95 -18.79
C VAL A 129 23.48 -8.53 -18.68
N GLY A 130 23.08 -8.14 -17.47
CA GLY A 130 22.50 -6.83 -17.24
C GLY A 130 21.25 -7.04 -16.41
N PRO A 131 20.28 -6.10 -16.42
CA PRO A 131 19.07 -6.28 -15.62
C PRO A 131 18.35 -7.60 -16.00
N ILE A 132 17.86 -8.31 -14.99
CA ILE A 132 17.19 -9.59 -15.17
C ILE A 132 15.73 -9.58 -14.66
N SER A 133 14.82 -10.12 -15.48
CA SER A 133 13.42 -10.21 -15.05
C SER A 133 13.26 -11.31 -14.00
N VAL A 134 12.54 -11.03 -12.93
CA VAL A 134 12.32 -12.05 -11.92
C VAL A 134 10.93 -11.93 -11.31
N ALA A 135 10.51 -12.99 -10.63
CA ALA A 135 9.23 -12.99 -9.95
C ALA A 135 9.48 -13.21 -8.47
N ILE A 136 8.76 -12.49 -7.63
CA ILE A 136 8.93 -12.65 -6.20
C ILE A 136 7.60 -12.74 -5.49
N ASP A 137 7.64 -13.30 -4.28
CA ASP A 137 6.46 -13.34 -3.45
C ASP A 137 6.34 -11.96 -2.76
N ALA A 138 5.43 -11.13 -3.27
CA ALA A 138 5.19 -9.80 -2.72
C ALA A 138 3.85 -9.76 -2.01
N GLY A 139 3.31 -10.95 -1.74
CA GLY A 139 2.01 -11.03 -1.10
C GLY A 139 2.00 -10.82 0.40
N HIS A 140 2.65 -9.77 0.86
CA HIS A 140 2.67 -9.45 2.27
C HIS A 140 2.63 -7.96 2.50
N GLU A 141 1.98 -7.56 3.58
CA GLU A 141 1.90 -6.16 3.93
C GLU A 141 3.29 -5.55 4.13
N SER A 142 4.25 -6.36 4.56
CA SER A 142 5.61 -5.90 4.77
C SER A 142 6.22 -5.40 3.46
N PHE A 143 5.80 -5.97 2.34
CA PHE A 143 6.32 -5.54 1.05
C PHE A 143 5.62 -4.26 0.59
N LEU A 144 4.29 -4.24 0.74
CA LEU A 144 3.51 -3.07 0.37
C LEU A 144 4.01 -1.80 1.09
N PHE A 145 4.30 -1.94 2.38
CA PHE A 145 4.76 -0.83 3.20
C PHE A 145 6.28 -0.79 3.43
N TYR A 146 7.05 -1.46 2.57
CA TYR A 146 8.50 -1.44 2.67
C TYR A 146 9.00 0.01 2.56
N LYS A 147 9.95 0.39 3.42
CA LYS A 147 10.46 1.76 3.40
C LYS A 147 11.94 1.85 3.03
N GLU A 148 12.77 1.03 3.67
CA GLU A 148 14.20 1.03 3.37
C GLU A 148 14.92 -0.15 3.99
N GLY A 149 16.23 -0.21 3.73
CA GLY A 149 17.02 -1.29 4.27
C GLY A 149 16.80 -2.58 3.50
N ILE A 150 17.38 -3.67 4.00
CA ILE A 150 17.22 -4.95 3.32
C ILE A 150 15.90 -5.63 3.69
N TYR A 151 15.07 -5.89 2.68
CA TYR A 151 13.79 -6.54 2.91
C TYR A 151 13.91 -8.03 3.23
N PHE A 152 13.42 -8.44 4.41
CA PHE A 152 13.37 -9.84 4.81
C PHE A 152 12.04 -10.15 5.47
N GLU A 153 11.31 -11.11 4.91
CA GLU A 153 10.00 -11.49 5.42
C GLU A 153 9.98 -12.99 5.75
N PRO A 154 9.92 -13.34 7.05
CA PRO A 154 9.91 -14.74 7.50
C PRO A 154 8.91 -15.62 6.77
N ASP A 155 7.73 -15.07 6.47
CA ASP A 155 6.68 -15.86 5.82
C ASP A 155 6.71 -15.83 4.29
N CYS A 156 7.82 -15.39 3.71
CA CYS A 156 7.92 -15.38 2.26
C CYS A 156 8.05 -16.79 1.71
N SER A 157 7.57 -16.98 0.49
CA SER A 157 7.58 -18.27 -0.18
C SER A 157 8.39 -18.24 -1.49
N SER A 158 9.00 -19.36 -1.84
CA SER A 158 9.76 -19.45 -3.08
C SER A 158 8.98 -20.26 -4.10
N GLU A 159 7.70 -20.45 -3.81
CA GLU A 159 6.82 -21.22 -4.66
C GLU A 159 5.65 -20.46 -5.26
N ASP A 160 5.09 -19.48 -4.53
CA ASP A 160 3.94 -18.75 -5.03
C ASP A 160 4.21 -17.34 -5.53
N MET A 161 5.40 -17.10 -6.10
CA MET A 161 5.71 -15.77 -6.58
C MET A 161 4.52 -15.17 -7.31
N ASP A 162 4.16 -13.93 -6.96
CA ASP A 162 3.01 -13.28 -7.58
C ASP A 162 3.32 -11.91 -8.16
N HIS A 163 4.57 -11.48 -8.06
CA HIS A 163 4.92 -10.15 -8.57
C HIS A 163 6.17 -10.10 -9.45
N GLY A 164 5.99 -9.68 -10.70
CA GLY A 164 7.12 -9.61 -11.60
C GLY A 164 7.86 -8.30 -11.44
N VAL A 165 9.17 -8.39 -11.22
CA VAL A 165 10.01 -7.20 -11.06
C VAL A 165 11.34 -7.33 -11.82
N LEU A 166 12.24 -6.38 -11.60
CA LEU A 166 13.53 -6.35 -12.31
C LEU A 166 14.74 -6.23 -11.39
N VAL A 167 15.65 -7.20 -11.45
CA VAL A 167 16.86 -7.10 -10.66
C VAL A 167 17.88 -6.31 -11.47
N VAL A 168 18.27 -5.13 -10.98
CA VAL A 168 19.23 -4.32 -11.70
C VAL A 168 20.62 -4.35 -11.08
N GLY A 169 20.83 -5.25 -10.14
CA GLY A 169 22.13 -5.35 -9.53
C GLY A 169 22.06 -6.05 -8.19
N TYR A 170 23.15 -5.94 -7.44
CA TYR A 170 23.22 -6.52 -6.11
C TYR A 170 24.38 -5.91 -5.33
N GLY A 171 24.35 -6.04 -4.02
CA GLY A 171 25.42 -5.47 -3.21
C GLY A 171 25.27 -5.87 -1.76
N PHE A 172 25.89 -5.09 -0.89
CA PHE A 172 25.83 -5.36 0.54
C PHE A 172 25.87 -4.07 1.35
N GLU A 173 25.30 -4.11 2.54
CA GLU A 173 25.27 -2.94 3.40
C GLU A 173 26.41 -2.98 4.41
N SER A 174 26.88 -1.83 4.84
CA SER A 174 27.96 -1.78 5.82
C SER A 174 27.42 -1.94 7.25
N ASN B 2 24.02 -9.48 5.27
CA ASN B 2 23.98 -8.03 4.87
C ASN B 2 23.96 -7.89 3.35
N LYS B 3 23.70 -8.98 2.64
CA LYS B 3 23.67 -8.93 1.18
C LYS B 3 22.27 -8.74 0.62
N TYR B 4 22.17 -8.06 -0.52
CA TYR B 4 20.86 -7.82 -1.10
C TYR B 4 20.87 -7.71 -2.63
N TRP B 5 19.69 -7.95 -3.20
CA TRP B 5 19.47 -7.80 -4.63
C TRP B 5 18.84 -6.40 -4.83
N LEU B 6 19.37 -5.61 -5.76
CA LEU B 6 18.81 -4.29 -6.03
C LEU B 6 17.63 -4.49 -6.97
N VAL B 7 16.42 -4.30 -6.47
CA VAL B 7 15.27 -4.54 -7.34
C VAL B 7 14.45 -3.30 -7.70
N LYS B 8 14.15 -3.18 -8.98
CA LYS B 8 13.33 -2.10 -9.49
C LYS B 8 11.86 -2.55 -9.53
N ASN B 9 10.98 -1.83 -8.83
CA ASN B 9 9.56 -2.16 -8.80
C ASN B 9 8.80 -1.28 -9.82
N SER B 10 7.51 -1.53 -9.99
CA SER B 10 6.72 -0.77 -10.93
C SER B 10 5.47 -0.18 -10.27
N TRP B 11 5.64 0.29 -9.03
CA TRP B 11 4.58 0.90 -8.26
C TRP B 11 4.83 2.42 -8.04
N GLY B 12 5.54 3.06 -8.97
CA GLY B 12 5.80 4.48 -8.83
C GLY B 12 7.06 4.71 -8.01
N GLU B 13 7.58 5.94 -8.06
CA GLU B 13 8.82 6.24 -7.34
C GLU B 13 8.63 6.63 -5.87
N GLU B 14 7.39 6.73 -5.40
CA GLU B 14 7.16 7.07 -4.00
C GLU B 14 7.26 5.82 -3.11
N TRP B 15 6.83 4.67 -3.64
CA TRP B 15 6.91 3.41 -2.89
C TRP B 15 8.37 3.01 -2.59
N GLY B 16 8.63 2.43 -1.41
CA GLY B 16 9.99 2.02 -1.07
C GLY B 16 11.04 3.11 -1.20
N MET B 17 12.21 2.74 -1.72
CA MET B 17 13.33 3.67 -1.91
C MET B 17 13.37 4.20 -3.35
N GLY B 18 12.62 5.27 -3.61
CA GLY B 18 12.59 5.80 -4.96
C GLY B 18 12.04 4.76 -5.94
N GLY B 19 11.19 3.86 -5.44
CA GLY B 19 10.60 2.84 -6.29
C GLY B 19 11.38 1.54 -6.34
N TYR B 20 12.47 1.52 -5.59
CA TYR B 20 13.37 0.38 -5.50
C TYR B 20 13.29 -0.31 -4.15
N VAL B 21 13.74 -1.56 -4.11
CA VAL B 21 13.78 -2.30 -2.88
C VAL B 21 15.03 -3.20 -2.80
N LYS B 22 15.66 -3.19 -1.62
CA LYS B 22 16.83 -4.04 -1.41
C LYS B 22 16.34 -5.38 -0.90
N MET B 23 16.46 -6.43 -1.68
CA MET B 23 15.96 -7.67 -1.14
C MET B 23 17.00 -8.68 -0.72
N ALA B 24 16.75 -9.26 0.45
CA ALA B 24 17.65 -10.22 1.05
C ALA B 24 18.26 -11.14 0.01
N LYS B 25 19.58 -11.19 -0.03
CA LYS B 25 20.31 -12.02 -0.97
C LYS B 25 21.08 -13.14 -0.24
N ASP B 26 21.14 -14.31 -0.87
CA ASP B 26 21.81 -15.46 -0.31
C ASP B 26 21.22 -15.86 1.06
N ARG B 27 19.88 -15.79 1.10
CA ARG B 27 19.09 -16.18 2.25
C ARG B 27 18.05 -17.23 1.83
N ARG B 28 18.56 -18.32 1.32
CA ARG B 28 17.71 -19.41 0.88
C ARG B 28 16.68 -19.03 -0.18
N ASN B 29 17.15 -18.37 -1.24
CA ASN B 29 16.25 -17.94 -2.31
C ASN B 29 15.00 -17.25 -1.75
N HIS B 30 15.26 -16.26 -0.89
CA HIS B 30 14.20 -15.49 -0.23
C HIS B 30 13.15 -14.91 -1.21
N CYS B 31 11.89 -15.19 -0.89
CA CYS B 31 10.76 -14.76 -1.70
C CYS B 31 10.80 -15.29 -3.14
N GLY B 32 11.55 -16.37 -3.36
CA GLY B 32 11.66 -16.98 -4.68
C GLY B 32 12.28 -16.11 -5.77
N ILE B 33 13.10 -15.15 -5.39
CA ILE B 33 13.70 -14.24 -6.36
C ILE B 33 14.48 -14.96 -7.50
N ALA B 34 15.03 -16.13 -7.20
CA ALA B 34 15.77 -16.88 -8.23
C ALA B 34 14.95 -18.02 -8.84
N SER B 35 13.67 -18.14 -8.48
CA SER B 35 12.82 -19.24 -8.97
C SER B 35 12.21 -19.05 -10.35
N ALA B 36 12.15 -17.81 -10.84
CA ALA B 36 11.59 -17.52 -12.15
C ALA B 36 12.29 -16.33 -12.81
N ALA B 37 13.62 -16.42 -12.89
CA ALA B 37 14.44 -15.38 -13.47
C ALA B 37 14.76 -15.67 -14.93
N SER B 38 14.67 -14.65 -15.78
CA SER B 38 14.99 -14.79 -17.18
C SER B 38 15.32 -13.46 -17.84
N TYR B 39 15.84 -13.54 -19.07
CA TYR B 39 16.15 -12.34 -19.84
C TYR B 39 15.97 -12.62 -21.34
N PRO B 40 15.70 -11.57 -22.14
CA PRO B 40 15.52 -11.75 -23.56
C PRO B 40 16.86 -11.78 -24.29
N THR B 41 16.92 -12.59 -25.35
CA THR B 41 18.12 -12.67 -26.15
C THR B 41 18.02 -11.69 -27.30
N VAL B 42 18.94 -10.75 -27.34
CA VAL B 42 18.95 -9.77 -28.41
C VAL B 42 20.28 -9.79 -29.17
N ALA C 1 -6.37 27.30 23.06
CA ALA C 1 -6.01 25.85 23.15
C ALA C 1 -4.49 25.70 23.27
N PRO C 2 -4.03 24.59 23.84
CA PRO C 2 -2.57 24.45 23.95
C PRO C 2 -1.93 24.31 22.57
N ARG C 3 -0.63 24.58 22.53
CA ARG C 3 0.13 24.49 21.30
C ARG C 3 0.22 23.05 20.78
N SER C 4 0.32 22.11 21.72
CA SER C 4 0.44 20.68 21.41
C SER C 4 -0.41 19.81 22.34
N VAL C 5 -0.95 18.74 21.79
CA VAL C 5 -1.76 17.78 22.54
C VAL C 5 -1.46 16.37 22.05
N ASP C 6 -1.31 15.42 22.96
CA ASP C 6 -1.08 14.04 22.58
C ASP C 6 -1.71 13.13 23.62
N TRP C 7 -2.95 12.74 23.37
CA TRP C 7 -3.68 11.89 24.30
C TRP C 7 -3.03 10.53 24.56
N ARG C 8 -2.14 10.10 23.67
CA ARG C 8 -1.44 8.83 23.88
C ARG C 8 -0.60 8.87 25.18
N GLU C 9 -0.02 10.04 25.45
CA GLU C 9 0.80 10.22 26.63
C GLU C 9 -0.01 10.17 27.95
N LYS C 10 -1.33 10.27 27.83
CA LYS C 10 -2.19 10.22 29.02
C LYS C 10 -2.89 8.85 29.17
N GLY C 11 -2.59 7.90 28.29
CA GLY C 11 -3.18 6.57 28.37
C GLY C 11 -4.57 6.38 27.77
N TYR C 12 -4.96 7.31 26.91
CA TYR C 12 -6.28 7.29 26.27
C TYR C 12 -6.35 6.44 24.99
N VAL C 13 -5.22 5.93 24.53
CA VAL C 13 -5.18 5.24 23.24
C VAL C 13 -4.61 3.83 23.24
N THR C 14 -5.34 2.89 22.64
CA THR C 14 -4.86 1.52 22.52
C THR C 14 -3.84 1.44 21.37
N PRO C 15 -3.07 0.36 21.28
CA PRO C 15 -2.09 0.25 20.19
C PRO C 15 -2.77 0.24 18.82
N VAL C 16 -1.99 0.49 17.79
CA VAL C 16 -2.50 0.50 16.43
C VAL C 16 -3.08 -0.88 16.03
N LYS C 17 -4.25 -0.86 15.40
CA LYS C 17 -4.89 -2.10 14.95
C LYS C 17 -4.80 -2.23 13.43
N ASN C 18 -5.30 -3.33 12.89
CA ASN C 18 -5.24 -3.57 11.46
C ASN C 18 -6.60 -4.06 10.91
N GLN C 19 -7.27 -3.21 10.13
CA GLN C 19 -8.58 -3.57 9.57
C GLN C 19 -8.48 -4.63 8.46
N GLY C 20 -7.29 -4.79 7.89
CA GLY C 20 -7.12 -5.77 6.84
C GLY C 20 -7.94 -5.43 5.61
N GLN C 21 -8.19 -6.43 4.78
CA GLN C 21 -8.94 -6.25 3.55
C GLN C 21 -10.45 -6.23 3.80
N CYS C 22 -10.86 -5.17 4.46
CA CYS C 22 -12.25 -4.96 4.84
C CYS C 22 -12.48 -3.47 5.07
N GLY C 23 -13.55 -2.90 4.51
CA GLY C 23 -13.81 -1.48 4.69
C GLY C 23 -14.46 -1.20 6.04
N SER C 24 -13.79 -1.62 7.11
CA SER C 24 -14.31 -1.46 8.46
C SER C 24 -13.64 -0.33 9.26
N TRP C 26 -14.41 2.66 9.66
CA TRP C 26 -15.39 3.41 10.45
C TRP C 26 -15.56 2.79 11.84
N ALA C 27 -15.47 1.46 11.91
CA ALA C 27 -15.59 0.77 13.20
C ALA C 27 -14.33 0.99 14.06
N PHE C 28 -13.16 0.93 13.42
CA PHE C 28 -11.91 1.18 14.15
C PHE C 28 -11.83 2.64 14.66
N SER C 29 -12.32 3.57 13.83
CA SER C 29 -12.35 4.96 14.25
C SER C 29 -13.32 5.12 15.46
N ALA C 30 -14.44 4.42 15.38
CA ALA C 30 -15.45 4.46 16.44
C ALA C 30 -14.93 3.83 17.74
N THR C 31 -14.33 2.65 17.66
CA THR C 31 -13.81 2.04 18.88
C THR C 31 -12.73 2.92 19.53
N GLY C 32 -11.90 3.54 18.68
CA GLY C 32 -10.83 4.39 19.16
C GLY C 32 -11.38 5.55 19.98
N ALA C 33 -12.42 6.21 19.46
CA ALA C 33 -13.03 7.33 20.16
C ALA C 33 -13.71 6.88 21.46
N LEU C 34 -14.39 5.74 21.42
CA LEU C 34 -15.07 5.20 22.61
C LEU C 34 -14.04 4.71 23.63
N GLU C 35 -12.95 4.12 23.14
CA GLU C 35 -11.88 3.70 24.05
C GLU C 35 -11.36 4.92 24.83
N GLY C 36 -11.16 6.03 24.12
CA GLY C 36 -10.69 7.25 24.77
C GLY C 36 -11.68 7.80 25.79
N GLN C 37 -12.96 7.86 25.41
CA GLN C 37 -13.97 8.37 26.33
C GLN C 37 -14.21 7.45 27.52
N MET C 38 -14.18 6.13 27.32
CA MET C 38 -14.35 5.21 28.46
C MET C 38 -13.19 5.36 29.44
N PHE C 39 -11.98 5.55 28.90
CA PHE C 39 -10.81 5.74 29.75
C PHE C 39 -10.93 7.04 30.58
N ARG C 40 -11.37 8.12 29.93
CA ARG C 40 -11.58 9.39 30.62
C ARG C 40 -12.59 9.22 31.78
N LYS C 41 -13.60 8.40 31.52
CA LYS C 41 -14.69 8.12 32.45
C LYS C 41 -14.35 7.15 33.59
N THR C 42 -13.60 6.09 33.28
CA THR C 42 -13.28 5.05 34.26
C THR C 42 -11.80 4.91 34.66
N GLY C 43 -10.90 5.45 33.86
CA GLY C 43 -9.48 5.34 34.16
C GLY C 43 -8.96 3.99 33.69
N ARG C 44 -9.81 3.26 32.96
CA ARG C 44 -9.44 1.96 32.44
C ARG C 44 -9.45 1.92 30.92
N LEU C 45 -8.32 1.54 30.32
CA LEU C 45 -8.23 1.43 28.87
C LEU C 45 -8.52 0.00 28.43
N ILE C 46 -9.67 -0.19 27.78
CA ILE C 46 -10.03 -1.51 27.33
C ILE C 46 -10.35 -1.52 25.84
N SER C 47 -9.59 -2.33 25.10
CA SER C 47 -9.77 -2.47 23.67
C SER C 47 -11.17 -2.99 23.35
N LEU C 48 -11.87 -2.29 22.44
CA LEU C 48 -13.22 -2.64 22.06
C LEU C 48 -13.31 -3.44 20.74
N SER C 49 -14.42 -4.16 20.58
CA SER C 49 -14.63 -5.02 19.41
C SER C 49 -15.17 -4.38 18.14
N GLU C 50 -14.31 -4.26 17.12
CA GLU C 50 -14.76 -3.73 15.84
C GLU C 50 -15.69 -4.74 15.16
N GLN C 51 -15.39 -6.04 15.34
CA GLN C 51 -16.21 -7.08 14.75
C GLN C 51 -17.67 -7.00 15.23
N ASN C 52 -17.85 -6.65 16.49
CA ASN C 52 -19.20 -6.49 17.07
C ASN C 52 -19.96 -5.43 16.25
N LEU C 53 -19.27 -4.32 15.95
CA LEU C 53 -19.86 -3.25 15.14
C LEU C 53 -20.08 -3.71 13.67
N VAL C 54 -19.08 -4.35 13.08
CA VAL C 54 -19.21 -4.85 11.71
C VAL C 54 -20.39 -5.82 11.55
N ASP C 55 -20.53 -6.76 12.50
CA ASP C 55 -21.59 -7.76 12.40
C ASP C 55 -22.98 -7.30 12.81
N CYS C 56 -23.06 -6.35 13.74
CA CYS C 56 -24.34 -5.98 14.31
C CYS C 56 -24.94 -4.60 14.04
N SER C 57 -24.18 -3.65 13.49
CA SER C 57 -24.74 -2.31 13.33
C SER C 57 -25.43 -2.04 11.98
N GLY C 58 -25.84 -3.10 11.29
CA GLY C 58 -26.56 -2.89 10.04
C GLY C 58 -27.87 -2.12 10.23
N PRO C 59 -28.65 -2.40 11.30
CA PRO C 59 -29.92 -1.68 11.50
C PRO C 59 -29.74 -0.17 11.63
N GLN C 60 -28.56 0.27 12.06
CA GLN C 60 -28.24 1.68 12.21
C GLN C 60 -27.70 2.27 10.91
N GLY C 61 -27.60 1.43 9.88
CA GLY C 61 -27.13 1.94 8.59
C GLY C 61 -25.76 1.52 8.07
N ASN C 62 -24.98 0.79 8.87
CA ASN C 62 -23.66 0.40 8.39
C ASN C 62 -23.72 -0.84 7.46
N GLU C 63 -22.73 -0.95 6.57
CA GLU C 63 -22.67 -2.07 5.62
C GLU C 63 -21.44 -2.98 5.81
N GLY C 64 -21.07 -3.23 7.06
CA GLY C 64 -19.94 -4.10 7.36
C GLY C 64 -18.67 -3.71 6.63
N CYS C 65 -18.13 -4.64 5.86
CA CYS C 65 -16.89 -4.40 5.10
C CYS C 65 -17.09 -3.47 3.91
N ASN C 66 -18.33 -3.16 3.58
CA ASN C 66 -18.62 -2.25 2.47
C ASN C 66 -18.76 -0.82 2.95
N GLY C 67 -18.44 -0.56 4.21
CA GLY C 67 -18.51 0.80 4.70
C GLY C 67 -19.48 1.09 5.82
N GLY C 68 -19.39 2.31 6.36
CA GLY C 68 -20.25 2.72 7.44
C GLY C 68 -19.82 4.08 7.95
N LEU C 69 -20.48 4.55 9.01
CA LEU C 69 -20.16 5.83 9.62
C LEU C 69 -19.92 5.66 11.11
N MET C 70 -18.99 6.43 11.65
CA MET C 70 -18.73 6.35 13.08
C MET C 70 -20.00 6.70 13.87
N ASP C 71 -20.77 7.70 13.41
CA ASP C 71 -21.97 8.06 14.16
C ASP C 71 -23.00 6.93 14.19
N TYR C 72 -23.07 6.15 13.11
CA TYR C 72 -23.98 5.00 13.08
C TYR C 72 -23.50 3.96 14.09
N ALA C 73 -22.19 3.83 14.24
CA ALA C 73 -21.64 2.90 15.23
C ALA C 73 -21.97 3.39 16.65
N PHE C 74 -21.80 4.68 16.89
CA PHE C 74 -22.11 5.25 18.20
C PHE C 74 -23.60 5.04 18.51
N GLN C 75 -24.43 5.19 17.48
CA GLN C 75 -25.87 4.99 17.63
C GLN C 75 -26.17 3.54 18.01
N TYR C 76 -25.47 2.60 17.35
CA TYR C 76 -25.66 1.20 17.67
C TYR C 76 -25.33 0.92 19.14
N VAL C 77 -24.15 1.35 19.58
CA VAL C 77 -23.75 1.12 20.96
C VAL C 77 -24.85 1.56 21.94
N GLN C 78 -25.41 2.74 21.69
CA GLN C 78 -26.47 3.29 22.51
C GLN C 78 -27.77 2.46 22.41
N ASP C 79 -28.21 2.19 21.19
CA ASP C 79 -29.43 1.41 20.98
C ASP C 79 -29.33 0.01 21.62
N ASN C 80 -28.16 -0.59 21.42
CA ASN C 80 -27.84 -1.95 21.87
C ASN C 80 -27.64 -2.08 23.38
N GLY C 81 -27.31 -0.96 24.03
CA GLY C 81 -27.06 -1.01 25.46
C GLY C 81 -25.70 -1.61 25.79
N GLY C 82 -24.76 -1.55 24.83
CA GLY C 82 -23.44 -2.08 25.11
C GLY C 82 -22.62 -2.45 23.89
N LEU C 83 -21.36 -2.75 24.15
CA LEU C 83 -20.40 -3.15 23.12
C LEU C 83 -19.38 -4.09 23.75
N ASP C 84 -19.14 -5.24 23.11
CA ASP C 84 -18.20 -6.21 23.67
C ASP C 84 -16.73 -5.80 23.54
N SER C 85 -15.92 -6.35 24.43
CA SER C 85 -14.48 -6.12 24.44
C SER C 85 -13.83 -6.80 23.23
N GLU C 86 -12.69 -6.25 22.79
CA GLU C 86 -11.95 -6.83 21.68
C GLU C 86 -11.62 -8.31 21.98
N GLU C 87 -11.23 -8.58 23.22
CA GLU C 87 -10.87 -9.93 23.60
C GLU C 87 -12.06 -10.94 23.51
N SER C 88 -13.26 -10.51 23.85
CA SER C 88 -14.41 -11.42 23.82
C SER C 88 -14.99 -11.67 22.42
N TYR C 89 -14.75 -10.72 21.53
CA TYR C 89 -15.29 -10.75 20.18
C TYR C 89 -14.20 -10.25 19.21
N PRO C 90 -13.20 -11.11 18.95
CA PRO C 90 -12.02 -10.92 18.09
C PRO C 90 -12.37 -10.48 16.68
N TYR C 91 -11.47 -9.71 16.08
CA TYR C 91 -11.67 -9.18 14.74
C TYR C 91 -11.38 -10.23 13.64
N GLU C 92 -12.29 -10.38 12.68
CA GLU C 92 -12.11 -11.38 11.62
C GLU C 92 -11.93 -10.77 10.21
N ALA C 93 -12.09 -9.45 10.08
CA ALA C 93 -11.93 -8.75 8.80
C ALA C 93 -12.94 -9.20 7.70
N THR C 94 -14.09 -9.68 8.13
CA THR C 94 -15.15 -10.12 7.24
C THR C 94 -16.46 -10.06 7.99
N GLU C 95 -17.56 -9.82 7.30
CA GLU C 95 -18.82 -9.73 8.01
C GLU C 95 -19.49 -11.08 8.26
N GLU C 96 -19.89 -11.29 9.50
CA GLU C 96 -20.54 -12.52 9.90
C GLU C 96 -21.79 -12.26 10.73
N SER C 97 -22.48 -13.31 11.13
CA SER C 97 -23.69 -13.13 11.90
C SER C 97 -23.39 -12.36 13.20
N CYS C 98 -24.35 -11.55 13.64
CA CYS C 98 -24.20 -10.78 14.86
C CYS C 98 -24.10 -11.71 16.09
N LYS C 99 -23.00 -11.61 16.85
CA LYS C 99 -22.84 -12.45 18.04
C LYS C 99 -22.70 -11.65 19.34
N TYR C 100 -23.29 -10.47 19.38
CA TYR C 100 -23.20 -9.66 20.59
C TYR C 100 -23.67 -10.43 21.83
N ASN C 101 -22.84 -10.43 22.86
CA ASN C 101 -23.18 -11.08 24.13
C ASN C 101 -23.08 -10.03 25.26
N PRO C 102 -24.22 -9.60 25.80
CA PRO C 102 -24.32 -8.60 26.87
C PRO C 102 -23.36 -8.86 28.02
N LYS C 103 -23.11 -10.14 28.29
CA LYS C 103 -22.21 -10.53 29.39
C LYS C 103 -20.81 -9.96 29.25
N TYR C 104 -20.35 -9.77 28.02
CA TYR C 104 -19.00 -9.25 27.80
C TYR C 104 -18.96 -7.77 27.39
N SER C 105 -20.06 -7.05 27.63
CA SER C 105 -20.06 -5.63 27.29
C SER C 105 -19.14 -4.87 28.25
N VAL C 106 -18.31 -3.99 27.71
CA VAL C 106 -17.41 -3.22 28.57
C VAL C 106 -17.49 -1.72 28.30
N ALA C 107 -18.38 -1.34 27.40
CA ALA C 107 -18.52 0.06 27.07
C ALA C 107 -19.94 0.41 26.66
N ASN C 108 -20.25 1.69 26.80
CA ASN C 108 -21.56 2.21 26.45
C ASN C 108 -21.48 3.68 26.04
N ASP C 109 -22.53 4.16 25.40
CA ASP C 109 -22.62 5.57 25.13
C ASP C 109 -24.06 6.00 25.08
N THR C 110 -24.29 7.29 25.21
CA THR C 110 -25.64 7.83 25.19
C THR C 110 -25.83 8.68 23.94
N GLY C 111 -25.16 8.31 22.86
CA GLY C 111 -25.27 9.10 21.65
C GLY C 111 -23.92 9.62 21.20
N PHE C 112 -23.94 10.74 20.48
CA PHE C 112 -22.72 11.34 19.97
C PHE C 112 -22.85 12.84 19.72
N VAL C 113 -21.70 13.47 19.53
CA VAL C 113 -21.67 14.90 19.26
C VAL C 113 -20.91 15.16 17.96
N ASP C 114 -21.56 15.85 17.03
CA ASP C 114 -20.91 16.22 15.79
C ASP C 114 -20.31 17.63 15.92
N ILE C 115 -19.00 17.70 15.73
CA ILE C 115 -18.26 18.97 15.83
C ILE C 115 -18.44 19.87 14.59
N PRO C 116 -18.54 21.19 14.80
CA PRO C 116 -18.70 22.12 13.69
C PRO C 116 -17.61 21.85 12.64
N LYS C 117 -17.93 22.11 11.38
CA LYS C 117 -16.98 21.82 10.32
C LYS C 117 -15.85 22.87 10.12
N GLN C 118 -15.05 23.05 11.17
CA GLN C 118 -13.90 23.95 11.19
C GLN C 118 -12.72 23.36 11.96
N GLU C 119 -11.50 23.54 11.45
CA GLU C 119 -10.31 23.03 12.13
C GLU C 119 -10.14 23.66 13.52
N LYS C 120 -10.56 24.91 13.68
CA LYS C 120 -10.45 25.54 14.97
C LYS C 120 -11.35 24.81 15.98
N ALA C 121 -12.55 24.44 15.55
CA ALA C 121 -13.46 23.73 16.43
C ALA C 121 -12.93 22.32 16.70
N LEU C 122 -12.34 21.71 15.68
CA LEU C 122 -11.76 20.39 15.88
C LEU C 122 -10.62 20.49 16.91
N MET C 123 -9.83 21.56 16.84
CA MET C 123 -8.73 21.71 17.78
C MET C 123 -9.23 21.85 19.21
N LYS C 124 -10.28 22.64 19.40
CA LYS C 124 -10.84 22.82 20.72
C LYS C 124 -11.43 21.50 21.26
N ALA C 125 -12.04 20.71 20.38
CA ALA C 125 -12.59 19.42 20.81
C ALA C 125 -11.47 18.46 21.20
N VAL C 126 -10.44 18.35 20.36
CA VAL C 126 -9.32 17.47 20.68
C VAL C 126 -8.69 17.87 22.04
N ALA C 127 -8.48 19.16 22.22
CA ALA C 127 -7.87 19.66 23.45
C ALA C 127 -8.72 19.44 24.70
N THR C 128 -10.03 19.52 24.57
CA THR C 128 -10.88 19.38 25.74
C THR C 128 -11.62 18.05 25.91
N VAL C 129 -11.77 17.28 24.85
CA VAL C 129 -12.52 16.02 24.93
C VAL C 129 -11.68 14.75 25.04
N GLY C 130 -10.73 14.61 24.12
CA GLY C 130 -9.88 13.44 24.06
C GLY C 130 -9.83 13.07 22.59
N PRO C 131 -9.45 11.84 22.22
CA PRO C 131 -9.39 11.46 20.81
C PRO C 131 -10.75 11.65 20.10
N ILE C 132 -10.68 12.15 18.87
CA ILE C 132 -11.85 12.45 18.05
C ILE C 132 -11.94 11.61 16.74
N SER C 133 -13.11 11.06 16.46
CA SER C 133 -13.28 10.32 15.21
C SER C 133 -13.42 11.30 14.05
N VAL C 134 -12.64 11.09 13.00
CA VAL C 134 -12.72 11.97 11.83
C VAL C 134 -12.67 11.18 10.54
N ALA C 135 -13.07 11.82 9.45
CA ALA C 135 -13.02 11.22 8.13
C ALA C 135 -12.10 12.05 7.25
N ILE C 136 -11.36 11.38 6.37
CA ILE C 136 -10.48 12.13 5.48
C ILE C 136 -10.49 11.53 4.09
N ASP C 137 -9.99 12.31 3.14
CA ASP C 137 -9.82 11.82 1.78
C ASP C 137 -8.45 11.13 1.74
N ALA C 138 -8.48 9.81 1.68
CA ALA C 138 -7.27 8.99 1.64
C ALA C 138 -7.15 8.27 0.30
N GLY C 139 -7.96 8.69 -0.66
CA GLY C 139 -7.97 8.04 -1.97
C GLY C 139 -6.85 8.40 -2.94
N HIS C 140 -5.63 8.50 -2.44
CA HIS C 140 -4.46 8.81 -3.26
C HIS C 140 -3.29 7.92 -2.91
N GLU C 141 -2.47 7.57 -3.91
CA GLU C 141 -1.32 6.72 -3.61
C GLU C 141 -0.38 7.37 -2.62
N SER C 142 -0.38 8.70 -2.56
CA SER C 142 0.50 9.40 -1.63
C SER C 142 0.19 9.00 -0.19
N PHE C 143 -1.09 8.76 0.10
CA PHE C 143 -1.47 8.34 1.44
C PHE C 143 -1.05 6.88 1.66
N LEU C 144 -1.30 6.02 0.67
CA LEU C 144 -0.91 4.62 0.80
C LEU C 144 0.60 4.46 1.08
N PHE C 145 1.39 5.29 0.40
CA PHE C 145 2.84 5.22 0.53
C PHE C 145 3.48 6.23 1.51
N TYR C 146 2.64 6.86 2.32
CA TYR C 146 3.14 7.80 3.31
C TYR C 146 4.15 7.10 4.25
N LYS C 147 5.27 7.76 4.52
CA LYS C 147 6.28 7.18 5.40
C LYS C 147 6.49 7.99 6.66
N GLU C 148 6.74 9.29 6.50
CA GLU C 148 6.99 10.18 7.63
C GLU C 148 6.83 11.66 7.27
N GLY C 149 7.01 12.52 8.27
CA GLY C 149 6.87 13.96 8.06
C GLY C 149 5.41 14.38 8.00
N ILE C 150 5.15 15.58 7.48
CA ILE C 150 3.78 16.04 7.38
C ILE C 150 3.16 15.65 6.03
N TYR C 151 1.98 15.05 6.08
CA TYR C 151 1.27 14.64 4.88
C TYR C 151 0.48 15.80 4.26
N PHE C 152 0.79 16.10 3.01
CA PHE C 152 0.10 17.13 2.25
C PHE C 152 -0.10 16.65 0.81
N GLU C 153 -1.36 16.46 0.41
CA GLU C 153 -1.71 16.00 -0.92
C GLU C 153 -2.47 17.11 -1.69
N PRO C 154 -1.80 17.74 -2.68
CA PRO C 154 -2.42 18.80 -3.47
C PRO C 154 -3.80 18.50 -4.07
N ASP C 155 -4.07 17.24 -4.41
CA ASP C 155 -5.38 16.88 -5.01
C ASP C 155 -6.42 16.38 -4.02
N CYS C 156 -6.17 16.59 -2.74
CA CYS C 156 -7.09 16.16 -1.71
C CYS C 156 -8.38 16.96 -1.67
N SER C 157 -9.46 16.30 -1.28
CA SER C 157 -10.75 16.96 -1.17
C SER C 157 -11.08 17.27 0.28
N SER C 158 -11.72 18.40 0.52
CA SER C 158 -12.11 18.76 1.88
C SER C 158 -13.58 18.45 2.16
N GLU C 159 -14.27 17.93 1.16
CA GLU C 159 -15.71 17.61 1.27
C GLU C 159 -16.03 16.14 0.98
N ASP C 160 -15.22 15.50 0.14
CA ASP C 160 -15.43 14.11 -0.23
C ASP C 160 -14.42 13.18 0.46
N MET C 161 -14.81 12.63 1.60
CA MET C 161 -13.96 11.75 2.39
C MET C 161 -14.33 10.29 2.26
N ASP C 162 -13.34 9.42 2.40
CA ASP C 162 -13.60 8.00 2.25
C ASP C 162 -12.93 7.10 3.29
N HIS C 163 -12.20 7.69 4.23
CA HIS C 163 -11.49 6.88 5.23
C HIS C 163 -11.67 7.38 6.68
N GLY C 164 -12.16 6.49 7.54
CA GLY C 164 -12.39 6.85 8.93
C GLY C 164 -11.16 6.58 9.77
N VAL C 165 -10.72 7.62 10.49
CA VAL C 165 -9.55 7.52 11.35
C VAL C 165 -9.76 8.24 12.70
N LEU C 166 -8.68 8.40 13.44
CA LEU C 166 -8.76 9.01 14.75
C LEU C 166 -7.69 10.06 15.02
N VAL C 167 -8.13 11.22 15.46
CA VAL C 167 -7.20 12.28 15.81
C VAL C 167 -6.89 12.14 17.30
N VAL C 168 -5.64 11.89 17.65
CA VAL C 168 -5.28 11.73 19.05
C VAL C 168 -4.55 12.95 19.60
N GLY C 169 -4.41 13.97 18.76
CA GLY C 169 -3.74 15.19 19.19
C GLY C 169 -3.31 16.05 18.03
N TYR C 170 -2.37 16.94 18.30
CA TYR C 170 -1.84 17.85 17.30
C TYR C 170 -0.57 18.50 17.81
N GLY C 171 0.19 19.09 16.91
CA GLY C 171 1.44 19.71 17.31
C GLY C 171 2.06 20.45 16.15
N PHE C 172 3.36 20.73 16.25
CA PHE C 172 4.05 21.46 15.21
C PHE C 172 5.53 21.09 15.15
N GLU C 173 6.14 21.29 13.98
CA GLU C 173 7.55 21.00 13.83
C GLU C 173 8.38 22.21 14.32
N SER C 174 9.08 22.01 15.43
CA SER C 174 9.94 23.03 16.05
C SER C 174 10.84 23.79 15.05
N ASN D 2 3.90 24.23 9.28
CA ASN D 2 4.60 23.24 10.14
C ASN D 2 3.69 22.62 11.21
N LYS D 3 2.38 22.85 11.10
CA LYS D 3 1.41 22.31 12.04
C LYS D 3 0.76 21.05 11.51
N TYR D 4 0.47 20.11 12.40
CA TYR D 4 -0.13 18.84 11.97
C TYR D 4 -1.09 18.25 13.00
N TRP D 5 -1.94 17.37 12.50
CA TRP D 5 -2.86 16.63 13.35
C TRP D 5 -2.22 15.25 13.58
N LEU D 6 -2.23 14.76 14.82
CA LEU D 6 -1.70 13.42 15.08
C LEU D 6 -2.84 12.44 14.84
N VAL D 7 -2.72 11.66 13.79
CA VAL D 7 -3.78 10.74 13.37
C VAL D 7 -3.41 9.26 13.47
N LYS D 8 -4.26 8.51 14.16
CA LYS D 8 -4.07 7.08 14.31
C LYS D 8 -4.83 6.39 13.18
N ASN D 9 -4.13 5.61 12.36
CA ASN D 9 -4.74 4.88 11.26
C ASN D 9 -5.01 3.43 11.71
N SER D 10 -5.72 2.63 10.89
CA SER D 10 -6.02 1.25 11.22
C SER D 10 -5.53 0.25 10.14
N TRP D 11 -4.30 0.48 9.67
CA TRP D 11 -3.67 -0.35 8.65
C TRP D 11 -2.40 -1.05 9.18
N GLY D 12 -2.35 -1.29 10.48
CA GLY D 12 -1.19 -1.93 11.08
C GLY D 12 -0.06 -0.95 11.35
N GLU D 13 0.92 -1.39 12.14
CA GLU D 13 2.07 -0.56 12.47
C GLU D 13 3.05 -0.39 11.31
N GLU D 14 2.98 -1.24 10.29
CA GLU D 14 3.90 -1.15 9.15
C GLU D 14 3.70 0.13 8.33
N TRP D 15 2.46 0.61 8.30
CA TRP D 15 2.13 1.81 7.52
C TRP D 15 2.55 3.12 8.22
N GLY D 16 3.05 4.06 7.44
CA GLY D 16 3.46 5.35 7.98
C GLY D 16 4.40 5.30 9.18
N MET D 17 4.15 6.18 10.15
CA MET D 17 4.98 6.26 11.34
C MET D 17 4.45 5.35 12.46
N GLY D 18 4.79 4.07 12.40
CA GLY D 18 4.29 3.15 13.40
C GLY D 18 2.77 3.09 13.38
N GLY D 19 2.18 3.34 12.21
CA GLY D 19 0.73 3.28 12.11
C GLY D 19 0.06 4.65 12.20
N TYR D 20 0.86 5.68 12.51
CA TYR D 20 0.35 7.03 12.61
C TYR D 20 0.78 7.92 11.43
N VAL D 21 0.05 9.01 11.26
CA VAL D 21 0.36 9.99 10.23
C VAL D 21 0.13 11.43 10.72
N LYS D 22 1.07 12.29 10.37
CA LYS D 22 0.97 13.70 10.70
C LYS D 22 0.24 14.39 9.53
N MET D 23 -1.05 14.66 9.71
CA MET D 23 -1.86 15.31 8.67
C MET D 23 -1.73 16.83 8.73
N ALA D 24 -1.52 17.48 7.59
CA ALA D 24 -1.39 18.93 7.57
C ALA D 24 -2.54 19.62 8.32
N LYS D 25 -2.18 20.53 9.22
CA LYS D 25 -3.12 21.28 10.02
C LYS D 25 -3.09 22.79 9.70
N ASP D 26 -4.27 23.42 9.73
CA ASP D 26 -4.47 24.83 9.41
C ASP D 26 -4.04 25.15 7.97
N ARG D 27 -4.36 24.22 7.07
CA ARG D 27 -4.09 24.36 5.65
C ARG D 27 -5.37 24.10 4.87
N ARG D 28 -6.32 25.00 5.11
CA ARG D 28 -7.64 24.93 4.49
C ARG D 28 -8.37 23.59 4.65
N ASN D 29 -8.41 23.07 5.88
CA ASN D 29 -9.09 21.80 6.16
C ASN D 29 -8.62 20.70 5.18
N HIS D 30 -7.31 20.48 5.15
CA HIS D 30 -6.70 19.50 4.25
C HIS D 30 -7.29 18.09 4.35
N CYS D 31 -7.73 17.56 3.20
CA CYS D 31 -8.33 16.24 3.11
C CYS D 31 -9.64 16.11 3.90
N GLY D 32 -10.23 17.24 4.27
CA GLY D 32 -11.49 17.26 5.00
C GLY D 32 -11.49 16.70 6.42
N ILE D 33 -10.34 16.72 7.07
CA ILE D 33 -10.21 16.19 8.43
C ILE D 33 -11.22 16.82 9.45
N ALA D 34 -11.66 18.04 9.20
CA ALA D 34 -12.62 18.66 10.11
C ALA D 34 -14.08 18.64 9.58
N SER D 35 -14.32 17.96 8.44
CA SER D 35 -15.66 17.94 7.83
C SER D 35 -16.65 16.92 8.39
N ALA D 36 -16.15 15.89 9.07
CA ALA D 36 -17.01 14.85 9.65
C ALA D 36 -16.42 14.33 10.97
N ALA D 37 -16.13 15.26 11.88
CA ALA D 37 -15.56 14.96 13.18
C ALA D 37 -16.64 14.77 14.25
N SER D 38 -16.48 13.76 15.09
CA SER D 38 -17.46 13.52 16.14
C SER D 38 -16.90 12.64 17.25
N TYR D 39 -17.63 12.53 18.34
CA TYR D 39 -17.21 11.68 19.45
C TYR D 39 -18.44 11.22 20.20
N PRO D 40 -18.34 10.06 20.87
CA PRO D 40 -19.44 9.49 21.64
C PRO D 40 -19.59 10.09 23.04
N THR D 41 -20.85 10.23 23.48
CA THR D 41 -21.12 10.76 24.80
C THR D 41 -21.23 9.61 25.81
N VAL D 42 -20.48 9.67 26.91
CA VAL D 42 -20.51 8.62 27.92
C VAL D 42 -20.86 9.20 29.31
N CYS E 2 -6.52 2.64 -1.82
CA CYS E 2 -7.79 3.21 -1.99
C CYS E 2 -8.17 3.84 -3.20
N CYS F 2 -1.43 -6.67 -2.30
CA CYS F 2 -1.56 -7.92 -2.95
C CYS F 2 -2.15 -9.12 -2.42
N CYS G 2 -0.08 -6.88 -8.22
CA CYS G 2 0.38 -8.01 -8.81
C CYS G 2 -0.37 -8.68 -9.86
N TYR G 4 1.94 -11.83 -11.70
CA TYR G 4 2.84 -12.66 -12.31
C TYR G 4 2.22 -14.06 -12.04
N CYS H 2 -10.27 1.55 2.81
CA CYS H 2 -11.30 2.36 3.07
C CYS H 2 -12.70 1.89 2.98
N TYR H 4 -15.46 4.81 4.62
CA TYR H 4 -16.11 5.72 5.40
C TYR H 4 -17.18 6.28 4.42
#